data_3WE3
#
_entry.id   3WE3
#
_cell.length_a   59.717
_cell.length_b   59.717
_cell.length_c   209.678
_cell.angle_alpha   90.00
_cell.angle_beta   90.00
_cell.angle_gamma   90.00
#
_symmetry.space_group_name_H-M   'P 43 21 2'
#
loop_
_entity.id
_entity.type
_entity.pdbx_description
1 polymer 'Bloom syndrome protein'
2 non-polymer ARSENATE
3 non-polymer 'ACETATE ION'
4 water water
#
_entity_poly.entity_id   1
_entity_poly.type   'polypeptide(L)'
_entity_poly.pdbx_seq_one_letter_code
;GPLGSKTKDYKTRDVTDDVKSIVRFVQEHSSSQGMRNIKHVGPSGRFTMNMLVDIFLGSKSAKIQSGIFGKGSAYSRHNA
ERLFKKLILDKILDEDLYINANDQAIAYVMLGNKAQTVLNGNLKVDFMETENSSSVKKQKALVAKVS
;
_entity_poly.pdbx_strand_id   A,B
#
loop_
_chem_comp.id
_chem_comp.type
_chem_comp.name
_chem_comp.formula
ACT non-polymer 'ACETATE ION' 'C2 H3 O2 -1'
ART non-polymer ARSENATE 'As O4 -3'
#
# COMPACT_ATOMS: atom_id res chain seq x y z
N THR A 12 -13.29 15.63 1.03
CA THR A 12 -14.34 14.56 0.91
C THR A 12 -14.30 13.63 2.13
N ARG A 13 -13.43 12.62 2.03
CA ARG A 13 -13.25 11.52 3.01
C ARG A 13 -12.62 11.98 4.34
N ASP A 14 -13.26 11.56 5.44
CA ASP A 14 -12.87 11.87 6.81
C ASP A 14 -11.86 10.82 7.33
N VAL A 15 -10.67 11.28 7.72
CA VAL A 15 -9.57 10.39 8.04
C VAL A 15 -9.15 10.51 9.50
N THR A 16 -10.06 11.00 10.32
CA THR A 16 -9.76 11.28 11.72
C THR A 16 -9.22 10.04 12.43
N ASP A 17 -9.99 8.94 12.38
CA ASP A 17 -9.63 7.71 13.08
C ASP A 17 -8.26 7.18 12.68
N ASP A 18 -7.92 7.33 11.40
CA ASP A 18 -6.59 6.93 10.92
C ASP A 18 -5.50 7.78 11.55
N VAL A 19 -5.67 9.10 11.53
CA VAL A 19 -4.71 10.02 12.12
C VAL A 19 -4.58 9.80 13.61
N LYS A 20 -5.69 9.57 14.29
CA LYS A 20 -5.65 9.29 15.72
C LYS A 20 -4.70 8.13 16.00
N SER A 21 -4.78 7.11 15.15
CA SER A 21 -3.99 5.91 15.34
C SER A 21 -2.54 6.12 14.91
N ILE A 22 -2.33 6.84 13.82
CA ILE A 22 -0.98 7.21 13.40
C ILE A 22 -0.29 7.94 14.54
N VAL A 23 -1.01 8.88 15.13
CA VAL A 23 -0.48 9.67 16.24
C VAL A 23 -0.24 8.77 17.43
N ARG A 24 -1.24 7.99 17.81
CA ARG A 24 -1.02 7.04 18.90
C ARG A 24 0.26 6.25 18.61
N PHE A 25 0.38 5.78 17.37
CA PHE A 25 1.48 4.91 16.99
C PHE A 25 2.84 5.58 17.09
N VAL A 26 2.99 6.74 16.46
CA VAL A 26 4.25 7.48 16.50
C VAL A 26 4.74 7.66 17.94
N GLN A 27 3.82 7.94 18.86
CA GLN A 27 4.16 8.17 20.25
C GLN A 27 4.56 6.89 20.97
N GLU A 28 3.99 5.76 20.57
CA GLU A 28 4.32 4.46 21.17
C GLU A 28 5.80 4.07 20.98
N HIS A 29 6.35 4.44 19.82
CA HIS A 29 7.73 4.13 19.47
C HIS A 29 8.69 5.29 19.77
N SER A 30 8.54 5.82 20.97
CA SER A 30 9.28 6.98 21.43
C SER A 30 9.85 6.69 22.79
N SER A 31 9.26 5.71 23.47
CA SER A 31 9.67 5.32 24.80
C SER A 31 9.23 3.89 25.07
N SER A 32 9.66 3.36 26.21
CA SER A 32 9.23 2.05 26.69
C SER A 32 8.20 2.20 27.81
N GLN A 33 7.30 3.18 27.67
CA GLN A 33 6.27 3.54 28.67
C GLN A 33 5.83 2.38 29.61
N GLY A 34 5.92 2.61 30.91
CA GLY A 34 5.60 1.57 31.89
C GLY A 34 6.65 1.41 32.98
N MET A 35 7.56 0.44 32.79
CA MET A 35 8.71 0.21 33.69
C MET A 35 9.32 1.55 34.17
N ARG A 36 9.78 1.59 35.42
CA ARG A 36 10.31 2.81 36.05
C ARG A 36 10.98 3.79 35.06
N ASN A 37 12.14 3.40 34.51
CA ASN A 37 12.86 4.19 33.51
C ASN A 37 12.05 4.37 32.22
N ILE A 38 11.24 5.43 32.16
CA ILE A 38 10.57 5.80 30.92
C ILE A 38 11.64 6.39 29.96
N LYS A 39 12.59 5.52 29.56
CA LYS A 39 13.69 5.85 28.61
C LYS A 39 13.16 6.24 27.23
N HIS A 40 13.87 7.15 26.56
CA HIS A 40 13.39 7.70 25.27
C HIS A 40 14.13 7.17 24.04
N VAL A 41 13.38 6.98 22.95
CA VAL A 41 13.89 6.49 21.65
C VAL A 41 14.37 7.67 20.81
N GLY A 42 14.72 7.41 19.55
CA GLY A 42 15.20 8.42 18.64
C GLY A 42 16.49 9.02 19.18
N PRO A 43 17.15 9.85 18.36
CA PRO A 43 16.71 10.16 17.01
C PRO A 43 16.84 8.95 16.08
N SER A 44 17.79 8.07 16.37
CA SER A 44 18.03 6.88 15.57
C SER A 44 16.82 5.93 15.43
N GLY A 45 15.98 5.89 16.45
CA GLY A 45 14.84 4.98 16.44
C GLY A 45 13.55 5.59 15.94
N ARG A 46 13.64 6.82 15.48
CA ARG A 46 12.46 7.55 15.03
C ARG A 46 12.25 7.20 13.53
N PHE A 47 11.08 7.49 12.95
CA PHE A 47 10.82 7.08 11.56
C PHE A 47 11.00 8.20 10.56
N THR A 48 11.46 7.90 9.35
CA THR A 48 11.31 8.90 8.29
C THR A 48 9.88 8.84 7.79
N MET A 49 9.40 9.95 7.24
CA MET A 49 8.08 9.97 6.69
C MET A 49 7.89 8.71 5.83
N ASN A 50 8.85 8.46 4.94
CA ASN A 50 8.79 7.27 4.12
C ASN A 50 8.66 5.94 4.85
N MET A 51 9.33 5.78 5.98
CA MET A 51 9.17 4.55 6.75
C MET A 51 7.80 4.50 7.35
N LEU A 52 7.21 5.66 7.60
CA LEU A 52 5.88 5.68 8.15
C LEU A 52 4.85 5.34 7.08
N VAL A 53 5.08 5.88 5.87
CA VAL A 53 4.28 5.54 4.71
C VAL A 53 4.30 4.01 4.50
N ASP A 54 5.50 3.46 4.26
CA ASP A 54 5.75 2.00 4.10
C ASP A 54 5.01 1.17 5.16
N ILE A 55 5.23 1.47 6.43
CA ILE A 55 4.51 0.78 7.50
C ILE A 55 3.00 0.87 7.28
N PHE A 56 2.54 2.07 6.98
CA PHE A 56 1.13 2.35 6.93
C PHE A 56 0.51 1.52 5.81
N LEU A 57 1.08 1.67 4.63
CA LEU A 57 0.68 0.97 3.43
C LEU A 57 1.03 -0.48 3.55
N GLY A 58 0.83 -1.10 4.71
CA GLY A 58 1.48 -2.38 5.00
C GLY A 58 2.49 -2.91 3.96
N SER A 59 3.53 -2.13 3.64
CA SER A 59 4.64 -2.59 2.77
C SER A 59 5.38 -3.72 3.40
N LYS A 60 6.24 -4.38 2.63
CA LYS A 60 7.17 -5.35 3.24
C LYS A 60 8.63 -4.93 3.25
N SER A 61 8.86 -3.63 3.17
CA SER A 61 10.11 -3.10 3.66
C SER A 61 9.86 -2.36 4.98
N ALA A 62 8.66 -2.52 5.55
CA ALA A 62 8.29 -1.73 6.70
C ALA A 62 9.19 -2.08 7.87
N LYS A 63 9.74 -1.09 8.56
CA LYS A 63 10.61 -1.37 9.69
C LYS A 63 9.84 -2.11 10.76
N ILE A 64 8.67 -1.57 11.10
CA ILE A 64 7.78 -2.23 12.03
C ILE A 64 6.66 -2.86 11.22
N GLN A 65 6.12 -3.97 11.70
CA GLN A 65 5.01 -4.65 11.03
C GLN A 65 4.00 -5.06 12.08
N SER A 66 3.54 -4.08 12.84
CA SER A 66 2.48 -4.27 13.80
C SER A 66 1.71 -2.94 13.88
N GLY A 67 1.10 -2.64 15.02
CA GLY A 67 0.31 -1.41 15.18
C GLY A 67 -0.50 -1.01 13.95
N ILE A 68 0.01 -0.04 13.20
CA ILE A 68 -0.73 0.51 12.05
C ILE A 68 -0.32 -0.10 10.72
N PHE A 69 0.27 -1.29 10.78
CA PHE A 69 0.84 -1.91 9.59
C PHE A 69 -0.21 -2.16 8.50
N GLY A 70 -1.32 -2.76 8.87
CA GLY A 70 -2.39 -2.98 7.90
C GLY A 70 -3.11 -1.73 7.39
N LYS A 71 -3.17 -0.69 8.23
CA LYS A 71 -4.20 0.34 8.10
C LYS A 71 -4.30 1.08 6.76
N GLY A 72 -3.20 1.21 6.02
CA GLY A 72 -3.18 2.08 4.84
C GLY A 72 -3.60 1.47 3.52
N SER A 73 -4.11 0.23 3.56
CA SER A 73 -4.42 -0.58 2.36
C SER A 73 -5.47 -0.05 1.39
N ALA A 74 -6.23 0.97 1.79
CA ALA A 74 -7.20 1.58 0.90
C ALA A 74 -6.65 2.84 0.25
N TYR A 75 -5.44 3.23 0.64
CA TYR A 75 -4.81 4.40 0.07
C TYR A 75 -3.80 4.00 -1.01
N SER A 76 -3.84 4.73 -2.10
CA SER A 76 -2.79 4.69 -3.08
C SER A 76 -1.54 5.25 -2.39
N ARG A 77 -0.36 4.73 -2.75
CA ARG A 77 0.88 5.28 -2.23
C ARG A 77 0.88 6.79 -2.32
N HIS A 78 0.68 7.31 -3.53
CA HIS A 78 0.59 8.75 -3.74
C HIS A 78 -0.26 9.48 -2.70
N ASN A 79 -1.45 8.97 -2.44
CA ASN A 79 -2.32 9.59 -1.45
C ASN A 79 -1.79 9.47 -0.03
N ALA A 80 -1.46 8.24 0.37
CA ALA A 80 -0.87 7.97 1.67
C ALA A 80 0.28 8.94 1.95
N GLU A 81 1.11 9.20 0.95
CA GLU A 81 2.13 10.25 1.04
C GLU A 81 1.45 11.57 1.43
N ARG A 82 0.66 12.12 0.51
CA ARG A 82 0.00 13.40 0.69
C ARG A 82 -0.65 13.58 2.04
N LEU A 83 -1.20 12.49 2.58
CA LEU A 83 -1.79 12.53 3.92
C LEU A 83 -0.79 12.92 5.00
N PHE A 84 0.41 12.34 4.97
CA PHE A 84 1.44 12.66 5.96
C PHE A 84 1.98 14.05 5.74
N LYS A 85 2.31 14.39 4.50
CA LYS A 85 2.63 15.77 4.11
C LYS A 85 1.64 16.70 4.79
N LYS A 86 0.35 16.40 4.65
CA LYS A 86 -0.67 17.18 5.32
C LYS A 86 -0.48 17.18 6.84
N LEU A 87 -0.34 16.00 7.45
CA LEU A 87 -0.24 15.91 8.91
C LEU A 87 0.95 16.68 9.50
N ILE A 88 1.93 16.95 8.66
CA ILE A 88 3.06 17.72 9.10
C ILE A 88 2.62 19.17 9.04
N LEU A 89 2.29 19.61 7.82
CA LEU A 89 1.69 20.91 7.58
C LEU A 89 0.76 21.32 8.73
N ASP A 90 -0.25 20.50 8.99
CA ASP A 90 -1.23 20.76 10.04
C ASP A 90 -0.69 20.67 11.46
N LYS A 91 0.62 20.54 11.61
CA LYS A 91 1.27 20.51 12.93
C LYS A 91 0.79 19.37 13.86
N ILE A 92 0.15 18.36 13.28
CA ILE A 92 -0.21 17.15 14.02
C ILE A 92 1.05 16.30 14.22
N LEU A 93 1.76 16.07 13.13
CA LEU A 93 3.07 15.48 13.20
C LEU A 93 4.02 16.57 12.77
N ASP A 94 5.24 16.50 13.30
CA ASP A 94 6.30 17.42 12.93
C ASP A 94 7.58 16.67 12.62
N GLU A 95 8.56 17.34 12.01
CA GLU A 95 9.84 16.68 11.73
C GLU A 95 11.13 17.46 12.00
N ASP A 96 12.03 16.82 12.75
CA ASP A 96 13.35 17.39 13.05
C ASP A 96 14.44 16.72 12.21
N LEU A 97 15.63 17.31 12.17
CA LEU A 97 16.74 16.70 11.46
C LEU A 97 17.64 15.96 12.38
N TYR A 98 18.21 14.89 11.86
CA TYR A 98 19.19 14.12 12.57
C TYR A 98 20.44 14.08 11.71
N ILE A 99 21.60 14.20 12.34
CA ILE A 99 22.84 14.04 11.62
C ILE A 99 23.53 12.78 12.10
N ASN A 100 23.76 11.85 11.18
CA ASN A 100 24.42 10.60 11.55
C ASN A 100 25.94 10.73 11.48
N ALA A 101 26.65 9.63 11.72
CA ALA A 101 28.11 9.69 11.79
C ALA A 101 28.80 10.08 10.46
N ASN A 102 28.26 9.63 9.33
CA ASN A 102 28.81 9.98 8.02
C ASN A 102 28.42 11.39 7.57
N ASP A 103 27.95 12.18 8.54
CA ASP A 103 27.57 13.58 8.34
C ASP A 103 26.41 13.77 7.33
N GLN A 104 25.39 12.94 7.46
CA GLN A 104 24.18 13.02 6.65
C GLN A 104 23.03 13.61 7.48
N ALA A 105 22.18 14.43 6.84
CA ALA A 105 21.03 14.96 7.52
C ALA A 105 19.75 14.22 7.13
N ILE A 106 19.12 13.60 8.13
CA ILE A 106 17.93 12.81 7.92
C ILE A 106 16.80 13.45 8.69
N ALA A 107 15.71 13.73 7.99
CA ALA A 107 14.52 14.30 8.57
C ALA A 107 13.62 13.20 9.14
N TYR A 108 13.32 13.27 10.43
CA TYR A 108 12.49 12.28 11.09
C TYR A 108 11.32 12.90 11.80
N VAL A 109 10.27 12.10 12.00
CA VAL A 109 8.95 12.52 12.43
C VAL A 109 8.82 12.40 13.94
N MET A 110 7.88 13.19 14.49
CA MET A 110 7.53 13.23 15.91
C MET A 110 6.26 14.06 15.97
N LEU A 111 5.60 14.08 17.13
CA LEU A 111 4.31 14.75 17.25
C LEU A 111 4.47 16.28 17.31
N GLY A 112 3.57 16.99 16.63
CA GLY A 112 3.45 18.46 16.74
C GLY A 112 2.39 18.90 17.75
N ASN A 113 2.45 20.17 18.19
CA ASN A 113 1.51 20.68 19.19
C ASN A 113 0.12 20.81 18.59
N LYS A 114 -0.59 19.69 18.57
CA LYS A 114 -1.81 19.54 17.77
C LYS A 114 -2.12 18.07 17.77
N ALA A 115 -1.10 17.29 18.08
CA ALA A 115 -1.24 15.84 18.20
C ALA A 115 -2.18 15.49 19.35
N GLN A 116 -1.95 16.10 20.52
CA GLN A 116 -2.79 15.88 21.69
C GLN A 116 -4.25 16.30 21.47
N THR A 117 -4.44 17.34 20.65
CA THR A 117 -5.77 17.82 20.27
C THR A 117 -6.62 16.73 19.61
N VAL A 118 -6.09 16.15 18.54
CA VAL A 118 -6.79 15.10 17.79
C VAL A 118 -7.14 13.89 18.63
N LEU A 119 -6.27 13.58 19.60
CA LEU A 119 -6.49 12.48 20.54
C LEU A 119 -7.61 12.77 21.55
N ASN A 120 -8.12 14.00 21.54
CA ASN A 120 -9.21 14.40 22.43
C ASN A 120 -10.55 14.63 21.68
N GLY A 121 -10.67 14.07 20.47
CA GLY A 121 -11.88 14.20 19.64
C GLY A 121 -12.14 15.61 19.14
N ASN A 122 -11.29 16.53 19.59
CA ASN A 122 -11.50 17.96 19.43
C ASN A 122 -11.22 18.50 18.04
N LEU A 123 -10.23 17.91 17.36
CA LEU A 123 -10.06 18.16 15.93
C LEU A 123 -10.46 16.93 15.11
N LYS A 124 -11.24 17.19 14.06
CA LYS A 124 -11.52 16.19 13.04
C LYS A 124 -10.64 16.51 11.83
N VAL A 125 -10.09 15.47 11.21
CA VAL A 125 -9.22 15.65 10.04
C VAL A 125 -9.92 15.14 8.79
N ASP A 126 -10.02 16.01 7.78
CA ASP A 126 -10.60 15.65 6.51
C ASP A 126 -9.52 15.71 5.46
N PHE A 127 -9.66 14.91 4.40
CA PHE A 127 -8.61 14.77 3.38
C PHE A 127 -9.19 14.77 1.97
N MET A 128 -8.52 15.49 1.07
CA MET A 128 -8.91 15.51 -0.34
C MET A 128 -8.10 14.46 -1.11
N GLU A 129 -8.78 13.42 -1.58
CA GLU A 129 -8.17 12.36 -2.40
C GLU A 129 -7.79 12.90 -3.79
N THR A 130 -6.49 12.88 -4.11
CA THR A 130 -5.98 13.39 -5.38
C THR A 130 -5.56 12.25 -6.30
N GLU A 131 -5.91 12.35 -7.59
CA GLU A 131 -5.41 11.43 -8.61
C GLU A 131 -3.95 11.77 -9.03
N ASN A 132 -3.42 11.05 -10.03
CA ASN A 132 -2.06 11.28 -10.57
C ASN A 132 -0.94 10.96 -9.57
CA LYS B 11 -16.26 6.58 -10.57
C LYS B 11 -15.81 5.34 -11.35
N THR B 12 -16.76 4.66 -12.00
CA THR B 12 -16.48 3.46 -12.81
C THR B 12 -15.89 3.80 -14.19
N ARG B 13 -14.86 3.05 -14.61
CA ARG B 13 -14.01 3.46 -15.75
C ARG B 13 -13.54 2.33 -16.69
N ASP B 14 -13.28 2.68 -17.95
CA ASP B 14 -12.83 1.71 -18.96
C ASP B 14 -11.36 1.32 -18.79
N VAL B 15 -11.09 0.05 -18.53
CA VAL B 15 -9.72 -0.40 -18.24
C VAL B 15 -9.11 -1.39 -19.25
N THR B 16 -9.77 -1.56 -20.40
CA THR B 16 -9.37 -2.54 -21.42
C THR B 16 -7.86 -2.67 -21.65
N ASP B 17 -7.16 -1.55 -21.80
CA ASP B 17 -5.73 -1.59 -22.11
C ASP B 17 -4.88 -2.25 -21.02
N ASP B 18 -5.03 -1.79 -19.78
CA ASP B 18 -4.28 -2.37 -18.67
C ASP B 18 -4.59 -3.84 -18.52
N VAL B 19 -5.83 -4.22 -18.78
CA VAL B 19 -6.23 -5.62 -18.79
C VAL B 19 -5.44 -6.37 -19.86
N LYS B 20 -5.43 -5.83 -21.07
CA LYS B 20 -4.66 -6.43 -22.16
C LYS B 20 -3.19 -6.58 -21.74
N SER B 21 -2.62 -5.54 -21.13
CA SER B 21 -1.23 -5.59 -20.65
C SER B 21 -1.01 -6.67 -19.60
N ILE B 22 -1.93 -6.75 -18.65
CA ILE B 22 -1.92 -7.79 -17.62
C ILE B 22 -1.93 -9.20 -18.23
N VAL B 23 -2.83 -9.46 -19.18
CA VAL B 23 -2.91 -10.77 -19.84
C VAL B 23 -1.74 -11.07 -20.77
N ARG B 24 -1.16 -10.05 -21.39
CA ARG B 24 -0.01 -10.27 -22.25
C ARG B 24 1.14 -10.71 -21.35
N PHE B 25 1.31 -9.97 -20.28
CA PHE B 25 2.33 -10.22 -19.29
C PHE B 25 2.22 -11.64 -18.72
N VAL B 26 1.02 -12.01 -18.28
CA VAL B 26 0.87 -13.29 -17.60
C VAL B 26 1.15 -14.43 -18.55
N GLN B 27 0.69 -14.28 -19.79
CA GLN B 27 0.87 -15.33 -20.79
C GLN B 27 2.34 -15.42 -21.17
N GLU B 28 3.01 -14.29 -21.05
CA GLU B 28 4.40 -14.20 -21.40
C GLU B 28 5.33 -14.82 -20.37
N HIS B 29 4.91 -14.90 -19.10
CA HIS B 29 5.77 -15.49 -18.06
C HIS B 29 5.26 -16.81 -17.49
N SER B 30 4.00 -17.14 -17.78
CA SER B 30 3.43 -18.44 -17.39
C SER B 30 3.69 -19.49 -18.46
N SER B 31 3.57 -19.09 -19.73
CA SER B 31 3.74 -20.01 -20.86
C SER B 31 5.22 -20.25 -21.19
N SER B 44 2.76 -24.62 -11.09
CA SER B 44 3.86 -24.54 -10.12
C SER B 44 5.01 -23.57 -10.50
N GLY B 45 5.16 -23.27 -11.81
CA GLY B 45 6.07 -22.20 -12.28
C GLY B 45 5.34 -20.88 -12.59
N ARG B 46 4.29 -20.61 -11.81
CA ARG B 46 3.32 -19.58 -12.16
C ARG B 46 3.25 -18.48 -11.11
N PHE B 47 2.38 -17.50 -11.35
CA PHE B 47 2.20 -16.37 -10.45
C PHE B 47 1.11 -16.58 -9.43
N THR B 48 1.35 -16.10 -8.21
CA THR B 48 0.30 -16.00 -7.22
C THR B 48 -0.28 -14.59 -7.29
N MET B 49 -1.52 -14.41 -6.83
CA MET B 49 -2.16 -13.11 -6.92
C MET B 49 -1.34 -11.99 -6.25
N ASN B 50 -0.85 -12.24 -5.04
CA ASN B 50 -0.05 -11.22 -4.38
C ASN B 50 1.17 -10.78 -5.20
N MET B 51 1.84 -11.74 -5.84
CA MET B 51 2.93 -11.44 -6.75
C MET B 51 2.55 -10.53 -7.91
N LEU B 52 1.40 -10.78 -8.53
CA LEU B 52 0.93 -9.96 -9.63
C LEU B 52 0.54 -8.58 -9.15
N VAL B 53 -0.06 -8.52 -7.97
CA VAL B 53 -0.43 -7.23 -7.44
C VAL B 53 0.87 -6.47 -7.12
N ASP B 54 1.81 -7.12 -6.44
CA ASP B 54 3.07 -6.46 -6.07
C ASP B 54 3.68 -5.85 -7.31
N ILE B 55 3.63 -6.60 -8.40
CA ILE B 55 4.21 -6.12 -9.64
C ILE B 55 3.39 -4.95 -10.15
N PHE B 56 2.10 -5.17 -10.42
CA PHE B 56 1.22 -4.15 -10.97
C PHE B 56 1.38 -2.83 -10.21
N LEU B 57 1.53 -2.91 -8.89
CA LEU B 57 1.54 -1.71 -8.06
C LEU B 57 2.85 -1.00 -8.13
N GLY B 58 3.84 -1.69 -8.65
CA GLY B 58 5.17 -1.15 -8.72
C GLY B 58 5.83 -1.21 -7.37
N SER B 59 5.63 -2.32 -6.67
CA SER B 59 6.24 -2.47 -5.37
C SER B 59 7.75 -2.57 -5.52
N LYS B 60 8.49 -2.01 -4.58
CA LYS B 60 9.89 -2.38 -4.43
C LYS B 60 10.07 -3.90 -4.38
N SER B 61 9.19 -4.58 -3.63
CA SER B 61 9.21 -6.05 -3.50
C SER B 61 9.14 -6.81 -4.83
N ALA B 62 8.47 -6.22 -5.84
CA ALA B 62 8.22 -6.88 -7.12
C ALA B 62 9.44 -7.60 -7.62
N LYS B 63 9.25 -8.86 -7.98
CA LYS B 63 10.33 -9.74 -8.47
C LYS B 63 10.70 -9.47 -9.94
N ILE B 64 9.69 -9.30 -10.78
CA ILE B 64 9.87 -8.88 -12.17
C ILE B 64 9.61 -7.40 -12.23
N GLN B 65 10.49 -6.62 -12.86
CA GLN B 65 10.26 -5.16 -12.94
C GLN B 65 10.28 -4.55 -14.38
N SER B 66 9.35 -5.02 -15.21
CA SER B 66 9.12 -4.52 -16.57
C SER B 66 7.65 -4.78 -16.88
N GLY B 67 7.26 -4.80 -18.14
CA GLY B 67 5.88 -5.18 -18.49
C GLY B 67 4.86 -4.31 -17.79
N ILE B 68 4.14 -4.89 -16.82
CA ILE B 68 3.08 -4.18 -16.07
C ILE B 68 3.49 -3.50 -14.75
N PHE B 69 4.76 -3.65 -14.37
CA PHE B 69 5.28 -3.01 -13.16
C PHE B 69 4.93 -1.52 -13.03
N GLY B 70 4.22 -1.15 -11.97
CA GLY B 70 3.95 0.27 -11.67
C GLY B 70 2.82 0.85 -12.50
N LYS B 71 2.42 0.09 -13.52
CA LYS B 71 1.27 0.46 -14.36
C LYS B 71 0.03 0.71 -13.50
N GLY B 72 -0.04 0.05 -12.35
CA GLY B 72 -1.17 0.20 -11.44
C GLY B 72 -0.86 0.97 -10.18
N SER B 73 0.28 1.66 -10.16
CA SER B 73 0.67 2.48 -9.00
C SER B 73 -0.42 3.43 -8.51
N ALA B 74 -1.27 3.89 -9.43
CA ALA B 74 -2.41 4.74 -9.07
C ALA B 74 -3.41 4.06 -8.13
N TYR B 75 -3.50 2.74 -8.17
CA TYR B 75 -4.53 2.02 -7.41
C TYR B 75 -4.11 1.94 -5.96
N SER B 76 -5.04 1.59 -5.09
CA SER B 76 -4.68 1.16 -3.76
C SER B 76 -4.51 -0.34 -3.79
N ARG B 77 -3.78 -0.89 -2.83
CA ARG B 77 -3.70 -2.35 -2.74
C ARG B 77 -5.10 -2.95 -2.80
N HIS B 78 -6.04 -2.40 -2.05
CA HIS B 78 -7.41 -2.94 -2.01
C HIS B 78 -8.04 -3.03 -3.43
N ASN B 79 -8.14 -1.91 -4.13
CA ASN B 79 -8.68 -1.89 -5.49
C ASN B 79 -7.89 -2.77 -6.46
N ALA B 80 -6.56 -2.69 -6.37
CA ALA B 80 -5.67 -3.56 -7.17
C ALA B 80 -6.12 -5.02 -7.11
N GLU B 81 -6.34 -5.51 -5.90
CA GLU B 81 -6.77 -6.88 -5.66
C GLU B 81 -8.16 -7.12 -6.22
N ARG B 82 -9.02 -6.12 -6.15
CA ARG B 82 -10.38 -6.26 -6.60
C ARG B 82 -10.45 -6.38 -8.11
N LEU B 83 -9.64 -5.58 -8.80
CA LEU B 83 -9.46 -5.69 -10.24
C LEU B 83 -9.13 -7.11 -10.61
N PHE B 84 -8.09 -7.67 -10.02
CA PHE B 84 -7.75 -9.05 -10.30
C PHE B 84 -8.90 -9.96 -9.98
N LYS B 85 -9.47 -9.81 -8.79
CA LYS B 85 -10.67 -10.58 -8.42
C LYS B 85 -11.67 -10.53 -9.58
N LYS B 86 -11.99 -9.32 -10.03
CA LYS B 86 -12.88 -9.19 -11.17
C LYS B 86 -12.39 -9.94 -12.40
N LEU B 87 -11.10 -9.86 -12.70
CA LEU B 87 -10.61 -10.61 -13.85
C LEU B 87 -10.83 -12.11 -13.70
N ILE B 88 -10.75 -12.64 -12.50
CA ILE B 88 -10.92 -14.09 -12.33
C ILE B 88 -12.39 -14.50 -12.44
N LEU B 89 -13.26 -13.66 -11.91
CA LEU B 89 -14.70 -13.90 -12.00
C LEU B 89 -15.20 -13.82 -13.43
N ASP B 90 -14.59 -12.92 -14.21
CA ASP B 90 -14.90 -12.74 -15.63
C ASP B 90 -14.25 -13.78 -16.54
N LYS B 91 -13.60 -14.78 -15.95
CA LYS B 91 -12.96 -15.86 -16.71
C LYS B 91 -11.93 -15.35 -17.74
N ILE B 92 -11.40 -14.16 -17.51
CA ILE B 92 -10.28 -13.60 -18.28
C ILE B 92 -8.96 -14.17 -17.77
N LEU B 93 -8.78 -14.13 -16.45
CA LEU B 93 -7.75 -14.93 -15.82
C LEU B 93 -8.41 -16.06 -15.07
N ASP B 94 -7.60 -17.02 -14.65
CA ASP B 94 -8.09 -18.17 -13.95
C ASP B 94 -7.18 -18.47 -12.79
N GLU B 95 -7.70 -19.26 -11.86
CA GLU B 95 -7.04 -19.49 -10.61
C GLU B 95 -7.20 -20.94 -10.24
N ASP B 96 -6.14 -21.53 -9.68
CA ASP B 96 -6.27 -22.85 -9.11
C ASP B 96 -5.49 -23.06 -7.84
N LEU B 97 -6.02 -23.92 -7.00
CA LEU B 97 -5.44 -24.29 -5.72
C LEU B 97 -4.60 -25.52 -5.92
N TYR B 98 -3.47 -25.57 -5.22
CA TYR B 98 -2.45 -26.55 -5.53
C TYR B 98 -1.64 -26.93 -4.29
N ILE B 99 -1.47 -28.23 -4.05
CA ILE B 99 -0.59 -28.70 -2.96
C ILE B 99 0.79 -29.07 -3.49
N ASN B 100 1.82 -28.54 -2.85
CA ASN B 100 3.21 -28.74 -3.25
C ASN B 100 3.91 -29.83 -2.41
N ALA B 101 5.18 -30.12 -2.72
CA ALA B 101 5.95 -31.11 -1.95
C ALA B 101 6.33 -30.63 -0.55
N ASN B 102 5.88 -29.42 -0.20
CA ASN B 102 5.92 -28.86 1.16
C ASN B 102 4.67 -29.30 1.95
N ASP B 103 3.62 -29.65 1.19
CA ASP B 103 2.26 -30.03 1.68
C ASP B 103 1.30 -28.89 2.05
N GLN B 104 1.75 -27.65 1.86
CA GLN B 104 0.88 -26.50 2.05
C GLN B 104 0.22 -26.17 0.71
N ALA B 105 -0.98 -25.59 0.77
CA ALA B 105 -1.73 -25.24 -0.42
C ALA B 105 -1.45 -23.82 -0.82
N ILE B 106 -1.33 -23.62 -2.13
CA ILE B 106 -1.00 -22.33 -2.72
C ILE B 106 -1.95 -22.10 -3.88
N ALA B 107 -2.44 -20.86 -4.01
CA ALA B 107 -3.29 -20.48 -5.14
C ALA B 107 -2.50 -19.77 -6.23
N TYR B 108 -2.41 -20.41 -7.40
CA TYR B 108 -1.68 -19.85 -8.52
C TYR B 108 -2.63 -19.15 -9.50
N VAL B 109 -2.07 -18.41 -10.44
CA VAL B 109 -2.89 -17.68 -11.41
C VAL B 109 -2.45 -18.03 -12.82
N MET B 110 -3.44 -18.31 -13.67
CA MET B 110 -3.16 -18.54 -15.07
C MET B 110 -4.20 -17.85 -15.97
N LEU B 111 -4.26 -18.22 -17.25
CA LEU B 111 -5.17 -17.56 -18.15
C LEU B 111 -6.57 -18.18 -18.19
N GLY B 112 -7.57 -17.33 -18.38
CA GLY B 112 -8.96 -17.79 -18.46
C GLY B 112 -9.30 -18.07 -19.89
N ASN B 113 -10.48 -18.65 -20.15
CA ASN B 113 -10.80 -18.87 -21.55
C ASN B 113 -11.27 -17.59 -22.27
N LYS B 114 -11.62 -16.56 -21.50
CA LYS B 114 -11.93 -15.23 -22.06
C LYS B 114 -10.71 -14.35 -22.32
N ALA B 115 -9.51 -14.87 -22.05
CA ALA B 115 -8.26 -14.12 -22.22
C ALA B 115 -7.99 -13.80 -23.70
N GLN B 116 -8.03 -14.85 -24.52
CA GLN B 116 -7.97 -14.76 -25.97
C GLN B 116 -8.88 -13.68 -26.53
N THR B 117 -10.11 -13.61 -26.04
CA THR B 117 -11.05 -12.60 -26.51
C THR B 117 -10.53 -11.19 -26.23
N VAL B 118 -10.18 -10.94 -24.97
CA VAL B 118 -9.67 -9.64 -24.52
C VAL B 118 -8.52 -9.23 -25.40
N LEU B 119 -7.66 -10.18 -25.69
CA LEU B 119 -6.39 -9.91 -26.34
C LEU B 119 -6.51 -9.54 -27.82
N ASN B 120 -7.40 -10.22 -28.53
CA ASN B 120 -7.71 -9.92 -29.92
C ASN B 120 -8.61 -8.69 -30.05
N GLY B 121 -8.73 -7.92 -28.98
CA GLY B 121 -9.55 -6.72 -28.94
C GLY B 121 -11.06 -6.92 -29.05
N ASN B 122 -11.55 -8.15 -28.93
CA ASN B 122 -12.99 -8.41 -29.04
C ASN B 122 -13.84 -8.34 -27.73
N LEU B 123 -13.28 -7.73 -26.68
CA LEU B 123 -14.00 -7.49 -25.40
C LEU B 123 -13.46 -6.27 -24.65
N LYS B 124 -14.34 -5.64 -23.89
CA LYS B 124 -13.99 -4.47 -23.12
C LYS B 124 -14.23 -4.72 -21.64
N VAL B 125 -13.30 -4.30 -20.82
CA VAL B 125 -13.40 -4.50 -19.37
C VAL B 125 -13.55 -3.16 -18.66
N ASP B 126 -14.50 -3.11 -17.72
CA ASP B 126 -14.69 -1.91 -16.90
C ASP B 126 -14.42 -2.22 -15.47
N PHE B 127 -13.92 -1.22 -14.75
CA PHE B 127 -13.68 -1.39 -13.35
C PHE B 127 -14.37 -0.31 -12.53
N MET B 128 -15.12 -0.76 -11.53
CA MET B 128 -15.67 0.11 -10.52
C MET B 128 -14.69 0.13 -9.35
N GLU B 129 -14.21 1.31 -8.97
CA GLU B 129 -13.32 1.49 -7.80
C GLU B 129 -14.10 1.87 -6.55
N THR B 130 -13.85 1.16 -5.44
CA THR B 130 -14.56 1.43 -4.18
C THR B 130 -13.65 2.04 -3.12
N GLU B 131 -14.17 3.09 -2.46
CA GLU B 131 -13.41 3.91 -1.51
C GLU B 131 -13.37 3.34 -0.09
N ASN B 132 -13.97 2.17 0.10
CA ASN B 132 -13.96 1.50 1.41
C ASN B 132 -12.92 0.38 1.48
AS ART C . 5.94 -1.66 -1.11
O1 ART C . 5.44 -0.93 -2.60
O2 ART C . 5.31 -3.29 -1.03
O3 ART C . 7.68 -1.74 -0.93
O4 ART C . 5.23 -0.66 0.12
C ACT D . 12.30 1.50 17.14
O ACT D . 11.16 1.07 17.49
OXT ACT D . 12.30 2.12 16.05
CH3 ACT D . 13.56 1.30 17.94
#